data_8PJV
#
_entry.id   8PJV
#
_cell.length_a   76.932
_cell.length_b   87.949
_cell.length_c   78.373
_cell.angle_alpha   90.000
_cell.angle_beta   90.000
_cell.angle_gamma   90.000
#
_symmetry.space_group_name_H-M   'C 2 2 21'
#
loop_
_entity.id
_entity.type
_entity.pdbx_description
1 polymer SAKe6DR
2 water water
#
_entity_poly.entity_id   1
_entity_poly.type   'polypeptide(L)'
_entity_poly.pdbx_seq_one_letter_code
;GSHMNGHIYAVGGYDGSPDGSTHLNSVEAYDPERDEWHLVAPMNTRRSGVGVAVLNGHIYAVGGYDGSPDGTNHLNSVER
YDPERDEWRLVAPMNTRRSGVGVAVLNGHIYAVGGYDGSPDGSTHLNSVEAYDPERDEWHLVAPMNTRRSGVGVAVLNGH
IYAVGGYDGSPDGTNHLNSVERYDPERDEWRLVAPMNTRRSGVGVAVLNGHIYAVGGYDGSPDGSTHLNSVEAYDPERDE
WHLVAPMNTRRSGVGVAVLNGHIYAVGGYDGSPDGTNHLNSVERYDPERDEWRLVAPMNTRRSGVGVAVL
;
_entity_poly.pdbx_strand_id   A
#
# COMPACT_ATOMS: atom_id res chain seq x y z
N GLY A 6 -13.21 8.76 -8.92
CA GLY A 6 -12.83 10.12 -8.59
C GLY A 6 -12.70 10.45 -7.11
N HIS A 7 -12.65 9.44 -6.27
CA HIS A 7 -12.47 9.60 -4.84
C HIS A 7 -11.31 8.74 -4.34
N ILE A 8 -10.63 9.24 -3.32
CA ILE A 8 -9.63 8.46 -2.58
C ILE A 8 -10.30 7.79 -1.42
N TYR A 9 -10.06 6.51 -1.26
CA TYR A 9 -10.53 5.76 -0.10
C TYR A 9 -9.36 5.42 0.83
N ALA A 10 -9.49 5.81 2.09
CA ALA A 10 -8.56 5.45 3.15
C ALA A 10 -9.21 4.31 3.94
N VAL A 11 -8.55 3.17 3.98
CA VAL A 11 -9.11 1.91 4.43
C VAL A 11 -8.34 1.42 5.64
N GLY A 12 -9.01 1.26 6.77
CA GLY A 12 -8.39 0.67 7.91
C GLY A 12 -7.23 1.49 8.47
N GLY A 13 -6.24 0.78 8.98
CA GLY A 13 -5.09 1.38 9.65
C GLY A 13 -5.18 1.21 11.15
N TYR A 14 -4.34 1.98 11.85
CA TYR A 14 -4.35 1.98 13.30
C TYR A 14 -4.23 3.39 13.83
N ASP A 15 -4.96 3.63 14.92
CA ASP A 15 -4.94 4.91 15.59
C ASP A 15 -4.46 4.71 17.02
N GLY A 16 -3.72 5.67 17.56
CA GLY A 16 -3.26 5.58 18.94
C GLY A 16 -4.40 5.69 19.95
N THR A 22 -5.78 1.07 18.54
CA THR A 22 -7.05 0.70 17.88
C THR A 22 -6.83 0.31 16.42
N HIS A 23 -7.05 -0.94 16.08
CA HIS A 23 -6.99 -1.42 14.69
C HIS A 23 -8.33 -1.03 14.09
N LEU A 24 -8.38 -0.44 12.91
CA LEU A 24 -9.56 0.19 12.37
C LEU A 24 -10.24 -0.69 11.33
N ASN A 25 -11.58 -0.75 11.42
CA ASN A 25 -12.40 -1.23 10.31
C ASN A 25 -13.02 -0.10 9.51
N SER A 26 -12.89 1.16 9.96
CA SER A 26 -13.54 2.26 9.27
C SER A 26 -12.84 2.60 7.96
N VAL A 27 -13.62 3.25 7.09
CA VAL A 27 -13.23 3.60 5.73
C VAL A 27 -13.76 4.97 5.44
N GLU A 28 -12.94 5.86 4.91
CA GLU A 28 -13.41 7.19 4.56
C GLU A 28 -12.94 7.55 3.16
N ALA A 29 -13.72 8.40 2.50
CA ALA A 29 -13.55 8.74 1.10
C ALA A 29 -13.37 10.24 0.95
N TYR A 30 -12.38 10.63 0.15
CA TYR A 30 -12.04 12.02 -0.11
C TYR A 30 -12.56 12.47 -1.46
N ASP A 31 -13.31 13.58 -1.46
CA ASP A 31 -13.78 14.22 -2.67
CA ASP A 31 -13.78 14.21 -2.68
C ASP A 31 -12.90 15.42 -2.97
N PRO A 32 -12.11 15.39 -4.06
CA PRO A 32 -11.22 16.53 -4.33
C PRO A 32 -11.95 17.80 -4.68
N GLU A 33 -13.16 17.71 -5.24
CA GLU A 33 -13.89 18.92 -5.60
C GLU A 33 -14.36 19.67 -4.36
N ARG A 34 -14.70 18.95 -3.30
CA ARG A 34 -15.17 19.55 -2.06
C ARG A 34 -14.09 19.61 -0.98
N ASP A 35 -12.94 18.96 -1.20
CA ASP A 35 -11.83 18.92 -0.22
C ASP A 35 -12.39 18.45 1.12
N GLU A 36 -13.03 17.28 1.12
CA GLU A 36 -13.68 16.76 2.34
C GLU A 36 -13.62 15.24 2.38
N TRP A 37 -13.48 14.71 3.58
CA TRP A 37 -13.51 13.26 3.82
C TRP A 37 -14.84 12.88 4.44
N HIS A 38 -15.46 11.82 3.94
CA HIS A 38 -16.74 11.31 4.51
C HIS A 38 -16.58 9.83 4.80
N LEU A 39 -17.01 9.41 5.96
CA LEU A 39 -16.99 7.96 6.27
C LEU A 39 -18.02 7.21 5.42
N VAL A 40 -17.65 6.02 4.96
CA VAL A 40 -18.57 5.13 4.25
C VAL A 40 -18.75 3.85 5.08
N ALA A 41 -19.28 2.81 4.48
CA ALA A 41 -19.48 1.60 5.26
C ALA A 41 -18.15 1.04 5.77
N PRO A 42 -18.10 0.57 7.02
CA PRO A 42 -16.87 -0.07 7.53
C PRO A 42 -16.72 -1.49 7.04
N MET A 43 -15.47 -1.94 7.00
CA MET A 43 -15.13 -3.33 6.75
C MET A 43 -15.73 -4.28 7.76
N ASN A 44 -15.86 -5.53 7.33
CA ASN A 44 -16.20 -6.61 8.23
C ASN A 44 -15.13 -6.79 9.29
N THR A 45 -13.85 -6.68 8.92
CA THR A 45 -12.74 -6.97 9.82
C THR A 45 -11.87 -5.73 10.00
N ARG A 46 -11.39 -5.52 11.22
CA ARG A 46 -10.37 -4.48 11.47
C ARG A 46 -9.04 -4.91 10.87
N ARG A 47 -8.37 -3.97 10.17
CA ARG A 47 -7.15 -4.31 9.45
C ARG A 47 -6.20 -3.12 9.47
N SER A 48 -5.08 -3.28 10.13
CA SER A 48 -3.95 -2.37 9.93
C SER A 48 -2.88 -3.09 9.10
N GLY A 49 -2.01 -2.32 8.45
CA GLY A 49 -1.04 -2.94 7.54
C GLY A 49 -1.73 -3.69 6.41
N VAL A 50 -2.82 -3.13 5.92
CA VAL A 50 -3.67 -3.74 4.90
C VAL A 50 -3.26 -3.29 3.52
N GLY A 51 -3.38 -4.16 2.53
CA GLY A 51 -3.20 -3.78 1.14
C GLY A 51 -4.54 -3.55 0.48
N VAL A 52 -4.61 -2.59 -0.41
CA VAL A 52 -5.85 -2.21 -1.09
CA VAL A 52 -5.85 -2.33 -1.11
C VAL A 52 -5.61 -2.14 -2.59
N ALA A 53 -6.55 -2.65 -3.38
CA ALA A 53 -6.51 -2.49 -4.82
C ALA A 53 -7.90 -2.31 -5.35
N VAL A 54 -7.98 -1.76 -6.55
CA VAL A 54 -9.25 -1.51 -7.22
C VAL A 54 -9.27 -2.32 -8.48
N LEU A 55 -10.37 -3.03 -8.70
CA LEU A 55 -10.53 -3.88 -9.87
C LEU A 55 -12.01 -3.93 -10.19
N ASN A 56 -12.37 -3.58 -11.43
CA ASN A 56 -13.74 -3.75 -11.91
C ASN A 56 -14.74 -3.00 -11.05
N GLY A 57 -14.40 -1.80 -10.62
CA GLY A 57 -15.37 -1.01 -9.90
C GLY A 57 -15.53 -1.36 -8.44
N HIS A 58 -14.66 -2.21 -7.91
CA HIS A 58 -14.72 -2.60 -6.51
C HIS A 58 -13.36 -2.40 -5.85
N ILE A 59 -13.37 -2.14 -4.55
CA ILE A 59 -12.14 -2.03 -3.78
C ILE A 59 -11.94 -3.34 -3.04
N TYR A 60 -10.74 -3.88 -3.09
CA TYR A 60 -10.39 -5.08 -2.33
C TYR A 60 -9.45 -4.68 -1.20
N ALA A 61 -9.79 -5.11 0.02
CA ALA A 61 -8.95 -5.01 1.20
C ALA A 61 -8.37 -6.40 1.46
N VAL A 62 -7.05 -6.48 1.45
CA VAL A 62 -6.30 -7.72 1.41
C VAL A 62 -5.43 -7.84 2.64
N GLY A 63 -5.64 -8.90 3.41
CA GLY A 63 -4.78 -9.15 4.53
C GLY A 63 -4.79 -8.07 5.59
N GLY A 64 -3.64 -7.87 6.21
CA GLY A 64 -3.54 -6.93 7.31
C GLY A 64 -3.43 -7.64 8.64
N TYR A 65 -3.69 -6.88 9.71
CA TYR A 65 -3.53 -7.34 11.08
C TYR A 65 -4.71 -6.84 11.89
N ASP A 66 -5.36 -7.76 12.58
CA ASP A 66 -6.47 -7.44 13.47
C ASP A 66 -5.95 -7.69 14.88
N GLY A 67 -5.51 -6.64 15.55
CA GLY A 67 -5.03 -6.70 16.91
C GLY A 67 -6.09 -6.47 17.95
N SER A 68 -7.36 -6.46 17.53
CA SER A 68 -8.49 -6.29 18.45
C SER A 68 -8.47 -7.47 19.44
N PRO A 69 -9.16 -7.40 20.59
CA PRO A 69 -9.04 -8.48 21.59
C PRO A 69 -9.51 -9.88 21.15
N ASP A 70 -10.55 -10.01 20.32
CA ASP A 70 -10.99 -11.32 19.76
C ASP A 70 -10.44 -11.43 18.33
N GLY A 71 -9.45 -10.60 17.95
CA GLY A 71 -8.96 -10.60 16.59
C GLY A 71 -8.10 -11.79 16.24
N THR A 72 -7.96 -12.07 14.92
CA THR A 72 -7.22 -13.22 14.34
C THR A 72 -5.74 -12.90 14.11
N ASN A 73 -5.31 -11.68 14.44
CA ASN A 73 -3.90 -11.27 14.24
C ASN A 73 -3.60 -11.20 12.74
N HIS A 74 -2.58 -11.89 12.24
CA HIS A 74 -2.17 -11.74 10.82
C HIS A 74 -3.26 -12.35 9.97
N LEU A 75 -3.75 -11.65 8.96
CA LEU A 75 -4.93 -12.05 8.21
C LEU A 75 -4.59 -12.60 6.83
N ASN A 76 -5.25 -13.72 6.48
CA ASN A 76 -5.34 -14.13 5.09
C ASN A 76 -6.65 -13.71 4.44
N SER A 77 -7.58 -13.13 5.19
CA SER A 77 -8.87 -12.84 4.60
C SER A 77 -8.81 -11.60 3.69
N VAL A 78 -9.83 -11.53 2.85
CA VAL A 78 -9.93 -10.56 1.77
C VAL A 78 -11.40 -10.15 1.67
N GLU A 79 -11.68 -8.87 1.58
CA GLU A 79 -13.09 -8.43 1.40
C GLU A 79 -13.17 -7.36 0.31
N ARG A 80 -14.33 -7.25 -0.30
CA ARG A 80 -14.53 -6.39 -1.49
C ARG A 80 -15.64 -5.37 -1.23
N TYR A 81 -15.40 -4.14 -1.59
CA TYR A 81 -16.35 -3.04 -1.38
C TYR A 81 -17.06 -2.73 -2.67
N ASP A 82 -18.39 -2.75 -2.62
CA ASP A 82 -19.23 -2.29 -3.71
C ASP A 82 -19.72 -0.88 -3.43
N PRO A 83 -19.26 0.13 -4.18
CA PRO A 83 -19.68 1.50 -3.86
C PRO A 83 -21.14 1.76 -4.12
N GLU A 84 -21.78 0.99 -4.97
CA GLU A 84 -23.20 1.23 -5.33
C GLU A 84 -24.06 0.82 -4.15
N ARG A 85 -23.77 -0.30 -3.52
CA ARG A 85 -24.53 -0.82 -2.36
C ARG A 85 -23.94 -0.32 -1.04
N ASP A 86 -22.73 0.24 -1.08
CA ASP A 86 -22.03 0.70 0.14
C ASP A 86 -21.93 -0.48 1.10
N GLU A 87 -21.31 -1.58 0.65
CA GLU A 87 -21.24 -2.81 1.41
C GLU A 87 -19.93 -3.52 1.15
N TRP A 88 -19.43 -4.23 2.17
CA TRP A 88 -18.22 -5.04 2.06
C TRP A 88 -18.60 -6.51 2.19
N ARG A 89 -18.04 -7.34 1.32
CA ARG A 89 -18.28 -8.78 1.35
C ARG A 89 -16.96 -9.54 1.35
N LEU A 90 -16.85 -10.55 2.22
CA LEU A 90 -15.67 -11.37 2.26
C LEU A 90 -15.63 -12.32 1.07
N VAL A 91 -14.46 -12.46 0.45
CA VAL A 91 -14.25 -13.35 -0.69
C VAL A 91 -13.24 -14.43 -0.30
N ALA A 92 -12.65 -15.13 -1.27
CA ALA A 92 -11.75 -16.22 -0.88
C ALA A 92 -10.50 -15.67 -0.18
N PRO A 93 -10.03 -16.34 0.87
CA PRO A 93 -8.80 -15.92 1.54
C PRO A 93 -7.56 -16.33 0.75
N MET A 94 -6.46 -15.62 1.00
CA MET A 94 -5.16 -15.96 0.41
C MET A 94 -4.64 -17.29 0.95
N ASN A 95 -3.67 -17.84 0.20
CA ASN A 95 -2.92 -19.01 0.65
C ASN A 95 -2.15 -18.72 1.93
N THR A 96 -1.63 -17.49 2.06
CA THR A 96 -0.74 -17.14 3.16
C THR A 96 -1.28 -15.89 3.86
N ARG A 97 -1.24 -15.90 5.19
CA ARG A 97 -1.54 -14.70 5.98
C ARG A 97 -0.46 -13.67 5.75
N ARG A 98 -0.87 -12.41 5.58
CA ARG A 98 0.07 -11.35 5.20
C ARG A 98 -0.38 -10.04 5.82
N SER A 99 0.35 -9.54 6.82
CA SER A 99 0.24 -8.16 7.23
C SER A 99 1.41 -7.38 6.62
N GLY A 100 1.24 -6.06 6.48
CA GLY A 100 2.28 -5.28 5.84
C GLY A 100 2.49 -5.70 4.39
N VAL A 101 1.43 -6.07 3.72
CA VAL A 101 1.43 -6.62 2.38
C VAL A 101 1.27 -5.52 1.35
N GLY A 102 1.91 -5.69 0.20
CA GLY A 102 1.70 -4.83 -0.95
C GLY A 102 0.73 -5.47 -1.91
N VAL A 103 -0.11 -4.67 -2.55
CA VAL A 103 -1.07 -5.21 -3.50
CA VAL A 103 -1.14 -5.17 -3.46
C VAL A 103 -1.12 -4.35 -4.74
N ALA A 104 -1.22 -5.04 -5.88
CA ALA A 104 -1.25 -4.41 -7.18
C ALA A 104 -2.27 -5.12 -8.05
N VAL A 105 -2.79 -4.42 -9.04
CA VAL A 105 -3.71 -4.97 -10.01
C VAL A 105 -3.03 -4.95 -11.36
N LEU A 106 -3.07 -6.06 -12.07
CA LEU A 106 -2.43 -6.20 -13.36
C LEU A 106 -3.17 -7.26 -14.15
N ASN A 107 -3.59 -6.89 -15.35
CA ASN A 107 -4.24 -7.81 -16.27
C ASN A 107 -5.46 -8.49 -15.63
N GLY A 108 -6.28 -7.74 -14.91
CA GLY A 108 -7.49 -8.30 -14.32
C GLY A 108 -7.31 -9.19 -13.11
N HIS A 109 -6.11 -9.25 -12.54
CA HIS A 109 -5.85 -10.04 -11.35
C HIS A 109 -5.28 -9.15 -10.27
N ILE A 110 -5.50 -9.54 -9.01
CA ILE A 110 -4.92 -8.83 -7.88
C ILE A 110 -3.72 -9.63 -7.40
N TYR A 111 -2.59 -8.97 -7.22
CA TYR A 111 -1.39 -9.60 -6.70
C TYR A 111 -1.17 -9.13 -5.27
N ALA A 112 -0.93 -10.08 -4.38
CA ALA A 112 -0.51 -9.83 -3.01
C ALA A 112 0.96 -10.20 -2.93
N VAL A 113 1.77 -9.24 -2.52
CA VAL A 113 3.22 -9.29 -2.61
C VAL A 113 3.81 -9.19 -1.21
N GLY A 114 4.60 -10.19 -0.82
CA GLY A 114 5.33 -10.07 0.42
C GLY A 114 4.42 -9.97 1.62
N GLY A 115 4.91 -9.25 2.62
CA GLY A 115 4.23 -9.12 3.88
C GLY A 115 4.91 -9.91 4.97
N TYR A 116 4.15 -10.14 6.04
CA TYR A 116 4.64 -10.81 7.22
C TYR A 116 3.58 -11.79 7.70
N ASP A 117 3.98 -13.03 7.88
CA ASP A 117 3.12 -14.06 8.43
C ASP A 117 3.61 -14.38 9.84
N GLY A 118 2.98 -13.78 10.84
CA GLY A 118 3.34 -13.96 12.26
C GLY A 118 2.44 -14.97 12.92
N SER A 119 1.72 -15.77 12.14
CA SER A 119 0.84 -16.84 12.64
C SER A 119 1.76 -17.91 13.26
N PRO A 120 1.24 -18.88 14.03
CA PRO A 120 2.09 -19.98 14.53
C PRO A 120 2.44 -20.87 13.32
N ASP A 121 3.71 -21.24 13.16
CA ASP A 121 4.22 -21.96 12.01
C ASP A 121 4.37 -21.03 10.82
N GLY A 122 4.20 -19.71 11.00
CA GLY A 122 4.38 -18.78 9.92
C GLY A 122 5.84 -18.59 9.55
N SER A 123 6.09 -18.16 8.31
CA SER A 123 7.46 -17.98 7.76
C SER A 123 8.02 -16.59 8.09
N THR A 124 7.28 -15.76 8.83
CA THR A 124 7.68 -14.39 9.20
C THR A 124 7.83 -13.55 7.91
N HIS A 125 8.97 -13.00 7.57
CA HIS A 125 9.05 -12.06 6.43
C HIS A 125 8.84 -12.85 5.14
N LEU A 126 8.01 -12.41 4.19
CA LEU A 126 7.64 -13.19 3.02
C LEU A 126 8.31 -12.68 1.75
N ASN A 127 8.81 -13.62 0.92
CA ASN A 127 9.13 -13.33 -0.46
C ASN A 127 8.06 -13.85 -1.41
N SER A 128 7.04 -14.54 -0.88
CA SER A 128 6.08 -15.13 -1.81
C SER A 128 5.09 -14.09 -2.32
N VAL A 129 4.42 -14.47 -3.41
CA VAL A 129 3.54 -13.62 -4.18
C VAL A 129 2.40 -14.49 -4.66
N GLU A 130 1.17 -14.00 -4.53
CA GLU A 130 0.02 -14.76 -5.00
C GLU A 130 -0.94 -13.85 -5.74
N ALA A 131 -1.71 -14.45 -6.65
CA ALA A 131 -2.57 -13.76 -7.58
C ALA A 131 -4.00 -14.24 -7.45
N TYR A 132 -4.93 -13.29 -7.41
CA TYR A 132 -6.35 -13.54 -7.26
C TYR A 132 -7.04 -13.40 -8.60
N ASP A 133 -7.84 -14.43 -8.93
CA ASP A 133 -8.68 -14.44 -10.10
C ASP A 133 -10.10 -14.19 -9.64
N PRO A 134 -10.70 -13.01 -9.91
CA PRO A 134 -12.03 -12.70 -9.41
C PRO A 134 -13.12 -13.58 -10.05
N GLU A 135 -12.87 -14.09 -11.24
CA GLU A 135 -13.88 -14.91 -11.97
C GLU A 135 -14.05 -16.24 -11.21
N ARG A 136 -12.95 -16.86 -10.78
CA ARG A 136 -12.98 -18.17 -10.08
C ARG A 136 -12.99 -17.99 -8.56
N ASP A 137 -12.71 -16.79 -8.08
CA ASP A 137 -12.63 -16.52 -6.61
C ASP A 137 -11.59 -17.46 -6.02
N GLU A 138 -10.35 -17.38 -6.50
CA GLU A 138 -9.26 -18.27 -6.11
C GLU A 138 -7.95 -17.49 -6.15
N TRP A 139 -7.03 -17.88 -5.26
CA TRP A 139 -5.68 -17.33 -5.20
C TRP A 139 -4.65 -18.40 -5.55
N HIS A 140 -3.67 -18.03 -6.38
CA HIS A 140 -2.61 -18.94 -6.80
C HIS A 140 -1.25 -18.32 -6.56
N LEU A 141 -0.32 -19.10 -5.99
CA LEU A 141 1.03 -18.61 -5.79
C LEU A 141 1.77 -18.56 -7.13
N VAL A 142 2.51 -17.48 -7.35
CA VAL A 142 3.31 -17.28 -8.56
C VAL A 142 4.78 -17.23 -8.13
N ALA A 143 5.66 -16.78 -9.01
CA ALA A 143 7.09 -16.77 -8.69
C ALA A 143 7.35 -15.86 -7.50
N PRO A 144 8.22 -16.28 -6.58
CA PRO A 144 8.54 -15.42 -5.43
C PRO A 144 9.59 -14.38 -5.77
N MET A 145 9.61 -13.34 -4.95
CA MET A 145 10.63 -12.32 -5.10
C MET A 145 11.99 -12.85 -4.71
N ASN A 146 13.01 -12.13 -5.16
CA ASN A 146 14.39 -12.38 -4.75
C ASN A 146 14.61 -12.10 -3.27
N THR A 147 13.91 -11.14 -2.70
CA THR A 147 14.11 -10.72 -1.31
C THR A 147 12.78 -10.80 -0.57
N ARG A 148 12.86 -11.25 0.69
CA ARG A 148 11.71 -11.17 1.58
C ARG A 148 11.47 -9.71 1.96
N ARG A 149 10.20 -9.29 1.92
CA ARG A 149 9.87 -7.85 2.14
C ARG A 149 8.57 -7.70 2.91
N SER A 150 8.63 -7.33 4.17
N SER A 150 8.64 -7.33 4.18
CA SER A 150 7.41 -6.94 4.95
CA SER A 150 7.45 -6.95 4.98
C SER A 150 7.34 -5.40 4.95
C SER A 150 7.34 -5.40 4.95
N GLY A 151 6.15 -4.83 5.01
CA GLY A 151 6.08 -3.35 4.95
C GLY A 151 6.53 -2.86 3.58
N VAL A 152 6.23 -3.60 2.53
CA VAL A 152 6.69 -3.33 1.17
C VAL A 152 5.67 -2.45 0.47
N GLY A 153 6.14 -1.63 -0.46
CA GLY A 153 5.28 -0.87 -1.36
C GLY A 153 5.31 -1.48 -2.75
N VAL A 154 4.18 -1.41 -3.47
N VAL A 154 4.18 -1.43 -3.42
CA VAL A 154 4.05 -2.09 -4.75
CA VAL A 154 4.12 -1.94 -4.77
C VAL A 154 3.24 -1.24 -5.72
C VAL A 154 3.40 -0.96 -5.68
N ALA A 155 3.74 -1.06 -6.95
CA ALA A 155 2.99 -0.36 -7.99
C ALA A 155 3.26 -1.03 -9.35
N VAL A 156 2.44 -0.69 -10.31
CA VAL A 156 2.47 -1.27 -11.65
C VAL A 156 2.89 -0.19 -12.62
N LEU A 157 3.88 -0.49 -13.46
CA LEU A 157 4.40 0.44 -14.44
C LEU A 157 4.79 -0.37 -15.66
N ASN A 158 4.27 0.03 -16.80
CA ASN A 158 4.60 -0.61 -18.07
C ASN A 158 4.42 -2.12 -18.03
N GLY A 159 3.33 -2.57 -17.41
CA GLY A 159 3.03 -3.99 -17.48
C GLY A 159 3.81 -4.85 -16.52
N HIS A 160 4.55 -4.24 -15.60
CA HIS A 160 5.32 -4.99 -14.62
C HIS A 160 4.94 -4.51 -13.23
N ILE A 161 5.09 -5.40 -12.26
CA ILE A 161 4.87 -5.02 -10.86
C ILE A 161 6.21 -4.73 -10.23
N TYR A 162 6.33 -3.58 -9.60
CA TYR A 162 7.53 -3.23 -8.86
C TYR A 162 7.26 -3.39 -7.37
N ALA A 163 8.16 -4.09 -6.68
CA ALA A 163 8.20 -4.22 -5.23
C ALA A 163 9.35 -3.36 -4.74
N VAL A 164 9.04 -2.44 -3.83
CA VAL A 164 9.93 -1.37 -3.44
C VAL A 164 10.16 -1.42 -1.92
N GLY A 165 11.42 -1.55 -1.53
CA GLY A 165 11.77 -1.46 -0.15
C GLY A 165 11.15 -2.55 0.69
N GLY A 166 10.81 -2.18 1.91
CA GLY A 166 10.35 -3.11 2.91
C GLY A 166 11.42 -3.42 3.93
N TYR A 167 11.18 -4.48 4.70
CA TYR A 167 12.13 -4.96 5.69
C TYR A 167 12.19 -6.47 5.69
N ASP A 168 13.36 -6.98 6.00
CA ASP A 168 13.66 -8.39 6.09
C ASP A 168 14.29 -8.66 7.46
N GLY A 169 14.26 -9.93 7.87
CA GLY A 169 14.89 -10.29 9.13
C GLY A 169 16.40 -10.39 9.02
N SER A 170 17.06 -10.34 10.17
CA SER A 170 18.51 -10.50 10.23
C SER A 170 18.97 -11.04 11.58
N ASN A 175 16.29 -5.49 9.02
CA ASN A 175 17.01 -4.93 7.87
C ASN A 175 16.06 -4.17 6.93
N HIS A 176 16.17 -2.86 6.93
CA HIS A 176 15.35 -2.00 6.09
C HIS A 176 15.98 -1.89 4.72
N LEU A 177 15.16 -2.05 3.68
CA LEU A 177 15.67 -2.31 2.34
C LEU A 177 15.60 -1.07 1.48
N ASN A 178 16.66 -0.84 0.70
CA ASN A 178 16.59 0.08 -0.43
C ASN A 178 16.41 -0.64 -1.76
N SER A 179 16.43 -1.96 -1.78
CA SER A 179 16.36 -2.66 -3.05
C SER A 179 14.94 -2.64 -3.61
N VAL A 180 14.87 -2.90 -4.92
CA VAL A 180 13.67 -2.80 -5.73
C VAL A 180 13.73 -3.93 -6.74
N GLU A 181 12.59 -4.58 -7.01
CA GLU A 181 12.57 -5.63 -8.05
C GLU A 181 11.29 -5.54 -8.88
N ARG A 182 11.31 -6.11 -10.07
CA ARG A 182 10.21 -5.96 -11.05
C ARG A 182 9.73 -7.35 -11.47
N TYR A 183 8.43 -7.53 -11.50
CA TYR A 183 7.80 -8.81 -11.90
C TYR A 183 7.29 -8.72 -13.31
N ASP A 184 7.70 -9.67 -14.15
CA ASP A 184 7.20 -9.83 -15.49
C ASP A 184 6.17 -10.94 -15.51
N PRO A 185 4.89 -10.64 -15.70
CA PRO A 185 3.89 -11.71 -15.65
C PRO A 185 3.98 -12.68 -16.80
N GLU A 186 4.55 -12.29 -17.92
CA GLU A 186 4.63 -13.17 -19.12
C GLU A 186 5.59 -14.31 -18.82
N ARG A 187 6.74 -14.02 -18.23
CA ARG A 187 7.78 -15.04 -17.93
C ARG A 187 7.66 -15.54 -16.49
N ASP A 188 6.81 -14.92 -15.68
CA ASP A 188 6.61 -15.30 -14.28
C ASP A 188 7.96 -15.27 -13.56
N GLU A 189 8.61 -14.09 -13.51
CA GLU A 189 9.89 -13.99 -12.87
C GLU A 189 10.08 -12.58 -12.33
N TRP A 190 10.93 -12.49 -11.32
CA TRP A 190 11.27 -11.22 -10.64
C TRP A 190 12.74 -10.88 -10.89
N ARG A 191 13.02 -9.63 -11.20
CA ARG A 191 14.38 -9.13 -11.54
C ARG A 191 14.70 -7.91 -10.67
N LEU A 192 15.78 -7.95 -9.90
CA LEU A 192 16.19 -6.73 -9.15
C LEU A 192 16.55 -5.63 -10.15
N VAL A 193 16.19 -4.39 -9.86
CA VAL A 193 16.55 -3.21 -10.64
C VAL A 193 17.32 -2.27 -9.74
N ALA A 194 17.44 -1.01 -10.13
CA ALA A 194 18.28 -0.10 -9.36
C ALA A 194 17.71 0.11 -7.96
N PRO A 195 18.55 0.13 -6.92
CA PRO A 195 18.06 0.43 -5.58
C PRO A 195 17.82 1.91 -5.38
N MET A 196 16.97 2.19 -4.40
CA MET A 196 16.69 3.57 -4.00
C MET A 196 17.90 4.20 -3.32
N ASN A 197 17.85 5.54 -3.24
CA ASN A 197 18.86 6.28 -2.50
C ASN A 197 18.75 6.02 -1.01
N THR A 198 17.56 5.81 -0.49
CA THR A 198 17.31 5.64 0.93
C THR A 198 16.59 4.32 1.17
N ARG A 199 16.99 3.63 2.24
CA ARG A 199 16.26 2.46 2.72
C ARG A 199 14.92 2.87 3.29
N ARG A 200 13.87 2.13 2.93
CA ARG A 200 12.50 2.51 3.30
C ARG A 200 11.63 1.29 3.55
N SER A 201 11.20 1.09 4.78
CA SER A 201 10.11 0.17 5.05
C SER A 201 8.86 0.98 5.40
N GLY A 202 7.69 0.37 5.27
CA GLY A 202 6.47 1.13 5.51
C GLY A 202 6.34 2.27 4.53
N VAL A 203 6.75 2.04 3.29
CA VAL A 203 6.87 3.05 2.24
C VAL A 203 5.62 3.07 1.40
N GLY A 204 5.16 4.24 0.99
CA GLY A 204 4.08 4.35 0.04
C GLY A 204 4.63 4.43 -1.37
N VAL A 205 3.97 3.76 -2.30
CA VAL A 205 4.46 3.69 -3.66
C VAL A 205 3.32 3.96 -4.61
N ALA A 206 3.53 4.86 -5.58
CA ALA A 206 2.54 5.07 -6.62
C ALA A 206 3.21 5.42 -7.93
N VAL A 207 2.44 5.34 -8.99
CA VAL A 207 2.91 5.58 -10.34
C VAL A 207 2.22 6.81 -10.87
N LEU A 208 3.01 7.73 -11.41
CA LEU A 208 2.49 8.97 -11.94
C LEU A 208 3.40 9.41 -13.07
N ASN A 209 2.80 9.68 -14.22
CA ASN A 209 3.53 10.23 -15.37
C ASN A 209 4.73 9.37 -15.72
N GLY A 210 4.56 8.05 -15.68
CA GLY A 210 5.60 7.15 -16.14
C GLY A 210 6.75 6.92 -15.19
N HIS A 211 6.62 7.34 -13.92
CA HIS A 211 7.66 7.14 -12.94
C HIS A 211 7.01 6.48 -11.73
N ILE A 212 7.80 5.71 -10.99
CA ILE A 212 7.38 5.21 -9.69
C ILE A 212 7.88 6.18 -8.63
N TYR A 213 7.01 6.54 -7.72
CA TYR A 213 7.39 7.35 -6.59
C TYR A 213 7.39 6.52 -5.32
N ALA A 214 8.48 6.62 -4.57
CA ALA A 214 8.61 6.03 -3.24
C ALA A 214 8.51 7.17 -2.24
N VAL A 215 7.52 7.10 -1.36
CA VAL A 215 7.10 8.20 -0.53
C VAL A 215 7.27 7.82 0.93
N GLY A 216 8.08 8.59 1.65
CA GLY A 216 8.20 8.38 3.07
C GLY A 216 8.74 7.02 3.43
N GLY A 217 8.26 6.50 4.58
CA GLY A 217 8.74 5.26 5.13
C GLY A 217 9.62 5.47 6.34
N TYR A 218 10.36 4.41 6.67
CA TYR A 218 11.20 4.33 7.84
C TYR A 218 12.54 3.75 7.46
N ASP A 219 13.61 4.46 7.82
CA ASP A 219 14.98 4.01 7.59
C ASP A 219 15.52 3.67 8.97
N GLY A 220 15.49 2.39 9.32
CA GLY A 220 15.99 1.92 10.59
C GLY A 220 17.44 1.46 10.55
N THR A 226 14.76 6.68 11.62
CA THR A 226 14.29 7.90 10.96
C THR A 226 12.98 7.65 10.23
N HIS A 227 11.94 8.34 10.66
CA HIS A 227 10.71 8.49 9.90
C HIS A 227 10.98 9.52 8.81
N LEU A 228 10.65 9.15 7.58
CA LEU A 228 11.11 9.89 6.41
C LEU A 228 10.04 10.83 5.87
N ASN A 229 10.47 12.05 5.54
CA ASN A 229 9.70 12.92 4.67
C ASN A 229 10.17 12.88 3.22
N SER A 230 11.28 12.23 2.94
CA SER A 230 11.83 12.30 1.59
C SER A 230 11.04 11.41 0.63
N VAL A 231 11.17 11.75 -0.64
CA VAL A 231 10.43 11.15 -1.74
C VAL A 231 11.39 10.98 -2.90
N GLU A 232 11.36 9.82 -3.56
CA GLU A 232 12.24 9.63 -4.71
C GLU A 232 11.44 9.00 -5.84
N ALA A 233 11.91 9.26 -7.06
CA ALA A 233 11.22 8.89 -8.28
C ALA A 233 12.13 8.01 -9.13
N TYR A 234 11.54 6.95 -9.69
CA TYR A 234 12.25 5.97 -10.50
C TYR A 234 11.90 6.18 -11.96
N ASP A 235 12.95 6.33 -12.77
CA ASP A 235 12.83 6.40 -14.21
C ASP A 235 13.15 5.02 -14.79
N PRO A 236 12.19 4.33 -15.39
CA PRO A 236 12.47 2.99 -15.92
C PRO A 236 13.39 3.02 -17.14
N GLU A 237 13.43 4.13 -17.87
CA GLU A 237 14.24 4.22 -19.10
C GLU A 237 15.72 4.17 -18.71
N ARG A 238 16.13 4.91 -17.68
CA ARG A 238 17.54 4.99 -17.25
C ARG A 238 17.84 4.05 -16.07
N ASP A 239 16.81 3.43 -15.48
CA ASP A 239 16.99 2.56 -14.30
C ASP A 239 17.67 3.38 -13.21
N GLU A 240 17.07 4.49 -12.81
CA GLU A 240 17.68 5.38 -11.82
C GLU A 240 16.62 5.98 -10.92
N TRP A 241 16.97 6.17 -9.66
CA TRP A 241 16.15 6.89 -8.69
C TRP A 241 16.75 8.25 -8.37
N HIS A 242 15.89 9.26 -8.33
CA HIS A 242 16.29 10.62 -7.98
C HIS A 242 15.33 11.16 -6.92
N LEU A 243 15.89 11.87 -5.95
CA LEU A 243 15.05 12.53 -4.96
C LEU A 243 14.29 13.67 -5.63
N VAL A 244 13.07 13.90 -5.17
CA VAL A 244 12.27 15.05 -5.58
C VAL A 244 11.94 15.85 -4.32
N ALA A 245 10.97 16.74 -4.39
CA ALA A 245 10.68 17.55 -3.21
C ALA A 245 10.18 16.65 -2.07
N PRO A 246 10.62 16.89 -0.84
CA PRO A 246 10.13 16.11 0.30
C PRO A 246 8.74 16.58 0.73
N MET A 247 8.02 15.66 1.40
CA MET A 247 6.74 16.02 1.99
C MET A 247 6.99 17.01 3.13
N ASN A 248 5.92 17.72 3.49
CA ASN A 248 5.92 18.61 4.63
C ASN A 248 6.01 17.86 5.95
N THR A 249 5.51 16.63 6.01
CA THR A 249 5.47 15.85 7.23
C THR A 249 6.19 14.53 7.00
N ARG A 250 6.92 14.08 8.01
CA ARG A 250 7.51 12.76 7.99
C ARG A 250 6.41 11.73 8.20
N ARG A 251 6.42 10.65 7.39
CA ARG A 251 5.34 9.66 7.43
C ARG A 251 5.90 8.27 7.16
N SER A 252 5.95 7.43 8.18
CA SER A 252 6.12 6.00 7.96
C SER A 252 4.75 5.31 7.98
N GLY A 253 4.63 4.16 7.33
CA GLY A 253 3.33 3.50 7.29
C GLY A 253 2.28 4.32 6.59
N VAL A 254 2.70 5.05 5.56
CA VAL A 254 1.86 5.99 4.82
C VAL A 254 1.17 5.29 3.67
N GLY A 255 -0.06 5.70 3.36
CA GLY A 255 -0.74 5.23 2.17
C GLY A 255 -0.64 6.28 1.08
N VAL A 256 -0.59 5.82 -0.19
N VAL A 256 -0.51 5.81 -0.15
CA VAL A 256 -0.31 6.70 -1.32
CA VAL A 256 -0.55 6.77 -1.25
C VAL A 256 -1.19 6.30 -2.50
C VAL A 256 -1.50 6.30 -2.31
N ALA A 257 -1.92 7.26 -3.10
CA ALA A 257 -2.66 6.97 -4.33
C ALA A 257 -2.64 8.21 -5.22
N VAL A 258 -3.00 8.00 -6.47
CA VAL A 258 -2.94 9.02 -7.49
C VAL A 258 -4.35 9.36 -7.91
N LEU A 259 -4.64 10.66 -7.92
CA LEU A 259 -5.97 11.12 -8.32
C LEU A 259 -5.78 12.47 -9.01
N ASN A 260 -6.34 12.60 -10.21
CA ASN A 260 -6.33 13.86 -10.95
C ASN A 260 -4.91 14.41 -11.06
N GLY A 261 -3.96 13.54 -11.39
CA GLY A 261 -2.62 14.00 -11.68
C GLY A 261 -1.75 14.36 -10.50
N HIS A 262 -2.19 14.07 -9.28
CA HIS A 262 -1.42 14.35 -8.10
C HIS A 262 -1.27 13.07 -7.29
N ILE A 263 -0.15 12.95 -6.57
CA ILE A 263 0.00 11.89 -5.58
C ILE A 263 -0.49 12.39 -4.24
N TYR A 264 -1.34 11.62 -3.59
CA TYR A 264 -1.79 11.94 -2.25
C TYR A 264 -1.08 11.01 -1.28
N ALA A 265 -0.47 11.60 -0.27
CA ALA A 265 0.11 10.90 0.87
C ALA A 265 -0.85 11.04 2.03
N VAL A 266 -1.32 9.91 2.55
CA VAL A 266 -2.44 9.85 3.46
C VAL A 266 -1.98 9.23 4.76
N GLY A 267 -2.15 9.95 5.86
CA GLY A 267 -1.88 9.37 7.16
C GLY A 267 -0.44 8.99 7.37
N GLY A 268 -0.24 7.89 8.07
CA GLY A 268 1.07 7.46 8.48
C GLY A 268 1.36 7.79 9.93
N TYR A 269 2.65 7.73 10.25
CA TYR A 269 3.14 7.92 11.60
C TYR A 269 4.38 8.79 11.55
N ASP A 270 4.39 9.83 12.38
CA ASP A 270 5.55 10.73 12.48
C ASP A 270 6.16 10.44 13.84
N GLY A 271 7.17 9.60 13.87
CA GLY A 271 7.85 9.25 15.12
C GLY A 271 8.96 10.22 15.48
N SER A 272 9.01 11.41 14.88
CA SER A 272 9.91 12.56 15.23
C SER A 272 10.31 13.25 13.94
N THR A 276 3.85 14.19 15.78
CA THR A 276 2.53 14.03 16.38
C THR A 276 1.99 12.59 16.29
N ASN A 277 2.88 11.61 16.05
CA ASN A 277 2.55 10.19 16.12
C ASN A 277 1.58 9.81 15.00
N HIS A 278 0.43 9.22 15.32
CA HIS A 278 -0.44 8.74 14.25
C HIS A 278 -1.10 9.92 13.57
N LEU A 279 -1.11 9.93 12.24
CA LEU A 279 -1.47 11.10 11.48
C LEU A 279 -2.84 10.98 10.84
N ASN A 280 -3.64 12.03 10.96
CA ASN A 280 -4.80 12.23 10.10
C ASN A 280 -4.54 13.18 8.94
N SER A 281 -3.37 13.79 8.88
CA SER A 281 -3.09 14.77 7.83
C SER A 281 -2.86 14.07 6.50
N VAL A 282 -3.03 14.86 5.45
CA VAL A 282 -2.95 14.44 4.07
C VAL A 282 -2.25 15.52 3.28
N GLU A 283 -1.41 15.15 2.32
CA GLU A 283 -0.78 16.19 1.46
C GLU A 283 -0.72 15.65 0.03
N ARG A 284 -0.59 16.53 -0.94
CA ARG A 284 -0.69 16.15 -2.35
C ARG A 284 0.51 16.69 -3.11
N TYR A 285 1.05 15.88 -4.00
CA TYR A 285 2.23 16.24 -4.81
C TYR A 285 1.85 16.57 -6.23
N ASP A 286 2.33 17.71 -6.70
CA ASP A 286 2.15 18.13 -8.09
C ASP A 286 3.45 17.88 -8.82
N PRO A 287 3.48 16.92 -9.76
CA PRO A 287 4.75 16.61 -10.43
C PRO A 287 5.24 17.71 -11.35
N GLU A 288 4.34 18.55 -11.87
CA GLU A 288 4.78 19.61 -12.77
C GLU A 288 5.57 20.67 -12.01
N ARG A 289 5.10 21.03 -10.82
CA ARG A 289 5.74 22.06 -10.03
C ARG A 289 6.70 21.49 -8.98
N ASP A 290 6.70 20.18 -8.76
CA ASP A 290 7.54 19.54 -7.75
C ASP A 290 7.30 20.17 -6.38
N GLU A 291 6.02 20.10 -5.95
CA GLU A 291 5.58 20.74 -4.71
C GLU A 291 4.58 19.84 -4.01
N TRP A 292 4.65 19.83 -2.67
CA TRP A 292 3.66 19.19 -1.81
C TRP A 292 2.81 20.24 -1.10
N ARG A 293 1.52 20.01 -1.05
CA ARG A 293 0.59 20.89 -0.38
C ARG A 293 -0.35 20.08 0.50
N LEU A 294 -0.57 20.56 1.71
CA LEU A 294 -1.51 19.92 2.62
C LEU A 294 -2.92 20.08 2.05
N VAL A 295 -3.74 19.07 2.29
CA VAL A 295 -5.18 19.18 2.02
C VAL A 295 -5.94 18.74 3.25
N ALA A 296 -7.25 18.63 3.14
CA ALA A 296 -8.05 18.43 4.33
C ALA A 296 -7.62 17.15 5.03
N PRO A 297 -7.52 17.17 6.37
CA PRO A 297 -7.21 15.95 7.10
C PRO A 297 -8.40 15.00 7.18
N MET A 298 -8.09 13.74 7.41
CA MET A 298 -9.13 12.72 7.58
C MET A 298 -9.83 12.91 8.92
N ASN A 299 -10.99 12.23 8.99
CA ASN A 299 -11.75 12.16 10.25
C ASN A 299 -11.00 11.42 11.32
N THR A 300 -10.23 10.39 10.94
CA THR A 300 -9.52 9.50 11.86
C THR A 300 -8.03 9.47 11.53
N ARG A 301 -7.20 9.44 12.57
CA ARG A 301 -5.77 9.21 12.39
C ARG A 301 -5.54 7.76 11.98
N ARG A 302 -4.71 7.54 10.96
CA ARG A 302 -4.51 6.19 10.43
C ARG A 302 -3.06 6.00 10.03
N SER A 303 -2.33 5.13 10.75
CA SER A 303 -1.07 4.66 10.22
C SER A 303 -1.26 3.21 9.75
N GLY A 304 -0.38 2.76 8.86
CA GLY A 304 -0.59 1.43 8.29
C GLY A 304 -1.88 1.33 7.50
N VAL A 305 -2.25 2.42 6.84
CA VAL A 305 -3.51 2.58 6.15
C VAL A 305 -3.38 2.15 4.70
N GLY A 306 -4.43 1.56 4.16
CA GLY A 306 -4.49 1.25 2.75
C GLY A 306 -5.24 2.35 2.02
N VAL A 307 -4.79 2.67 0.80
CA VAL A 307 -5.39 3.77 0.04
C VAL A 307 -5.59 3.34 -1.39
N ALA A 308 -6.79 3.59 -1.93
CA ALA A 308 -7.01 3.38 -3.37
C ALA A 308 -7.97 4.42 -3.90
N VAL A 309 -8.03 4.50 -5.22
CA VAL A 309 -8.81 5.51 -5.91
C VAL A 309 -9.86 4.80 -6.74
N LEU A 310 -11.11 5.26 -6.60
CA LEU A 310 -12.23 4.68 -7.33
C LEU A 310 -13.21 5.79 -7.68
#